data_4JGR
#
_entry.id   4JGR
#
_cell.length_a   76.663
_cell.length_b   83.424
_cell.length_c   91.006
_cell.angle_alpha   90.00
_cell.angle_beta   90.00
_cell.angle_gamma   90.00
#
_symmetry.space_group_name_H-M   'P 21 21 21'
#
loop_
_entity.id
_entity.type
_entity.pdbx_description
1 polymer 'Sporulation kinase D'
2 non-polymer 'ACETIC ACID'
3 non-polymer GLYCEROL
4 water water
#
_entity_poly.entity_id   1
_entity_poly.type   'polypeptide(L)'
_entity_poly.pdbx_seq_one_letter_code
;SNAEKEKDTIAAEHKQEASVLLNLHRNKINYLIGET(MSE)AR(MSE)TSLSIAIDRPVDIKK(MSE)QSILEKTFDSEP
RFSGLYFLNAKGDVTASTTELKTKVNLADASFFIKAKETKKTVISDSYSSRITGQPIFTICVPVLDSKRNVTDYLVAAIQ
IDYLKNLINLLSPDVYIEVVNQDGK(MSE)IFASGQASHAEDQKPVSGYLDDISWN(MSE)KVYPNPVTIEELSKSL
;
_entity_poly.pdbx_strand_id   A,B
#
loop_
_chem_comp.id
_chem_comp.type
_chem_comp.name
_chem_comp.formula
ACY non-polymer 'ACETIC ACID' 'C2 H4 O2'
GOL non-polymer GLYCEROL 'C3 H8 O3'
#
# COMPACT_ATOMS: atom_id res chain seq x y z
N ASP A 8 -16.86 -19.32 -29.96
CA ASP A 8 -17.26 -17.98 -30.37
C ASP A 8 -17.58 -17.13 -29.15
N THR A 9 -17.67 -17.78 -28.00
CA THR A 9 -18.04 -17.11 -26.75
C THR A 9 -17.10 -17.50 -25.62
N ILE A 10 -16.15 -18.38 -25.91
CA ILE A 10 -14.99 -18.59 -25.04
C ILE A 10 -14.12 -17.37 -25.26
N ALA A 11 -14.50 -16.60 -26.28
CA ALA A 11 -13.88 -15.32 -26.58
C ALA A 11 -14.16 -14.33 -25.45
N ALA A 12 -15.44 -14.11 -25.18
CA ALA A 12 -15.87 -13.16 -24.16
C ALA A 12 -15.41 -13.53 -22.74
N GLU A 13 -14.99 -14.78 -22.57
CA GLU A 13 -14.44 -15.23 -21.29
C GLU A 13 -12.93 -14.97 -21.21
N HIS A 14 -12.20 -15.37 -22.24
CA HIS A 14 -10.80 -15.00 -22.36
C HIS A 14 -10.65 -13.49 -22.20
N LYS A 15 -11.67 -12.76 -22.64
CA LYS A 15 -11.67 -11.30 -22.49
C LYS A 15 -11.69 -10.90 -21.02
N GLN A 16 -12.74 -11.30 -20.30
CA GLN A 16 -12.86 -10.95 -18.89
C GLN A 16 -11.74 -11.56 -18.04
N GLU A 17 -11.21 -12.72 -18.44
CA GLU A 17 -10.04 -13.31 -17.77
C GLU A 17 -8.85 -12.37 -17.86
N ALA A 18 -8.80 -11.60 -18.94
CA ALA A 18 -7.78 -10.59 -19.16
C ALA A 18 -8.14 -9.28 -18.45
N SER A 19 -9.43 -8.99 -18.30
CA SER A 19 -9.82 -7.85 -17.47
C SER A 19 -9.39 -8.12 -16.03
N VAL A 20 -9.45 -9.38 -15.65
CA VAL A 20 -9.02 -9.75 -14.31
C VAL A 20 -7.51 -9.50 -14.14
N LEU A 21 -6.72 -9.92 -15.13
CA LEU A 21 -5.29 -9.72 -15.07
C LEU A 21 -4.96 -8.24 -15.01
N LEU A 22 -5.72 -7.45 -15.77
CA LEU A 22 -5.50 -6.01 -15.86
C LEU A 22 -5.58 -5.34 -14.48
N ASN A 23 -6.61 -5.68 -13.73
CA ASN A 23 -6.78 -5.03 -12.44
C ASN A 23 -5.83 -5.54 -11.35
N LEU A 24 -5.58 -6.85 -11.28
CA LEU A 24 -4.53 -7.33 -10.37
C LEU A 24 -3.22 -6.56 -10.62
N HIS A 25 -2.82 -6.48 -11.88
CA HIS A 25 -1.57 -5.82 -12.21
C HIS A 25 -1.56 -4.30 -11.98
N ARG A 26 -2.61 -3.58 -12.42
CA ARG A 26 -2.72 -2.16 -12.07
C ARG A 26 -2.63 -1.97 -10.57
N ASN A 27 -3.47 -2.71 -9.84
CA ASN A 27 -3.49 -2.61 -8.39
C ASN A 27 -2.13 -2.84 -7.79
N LYS A 28 -1.46 -3.92 -8.20
CA LYS A 28 -0.10 -4.16 -7.74
C LYS A 28 0.75 -2.89 -7.89
N ILE A 29 0.74 -2.30 -9.09
CA ILE A 29 1.58 -1.14 -9.35
C ILE A 29 1.13 0.12 -8.58
N ASN A 30 -0.18 0.38 -8.58
CA ASN A 30 -0.70 1.48 -7.77
C ASN A 30 -0.34 1.30 -6.31
N TYR A 31 -0.48 0.07 -5.79
CA TYR A 31 -0.14 -0.18 -4.38
C TYR A 31 1.31 0.13 -4.12
N LEU A 32 2.16 -0.35 -5.02
CA LEU A 32 3.60 -0.17 -4.87
C LEU A 32 3.91 1.31 -4.80
N ILE A 33 3.27 2.08 -5.67
CA ILE A 33 3.53 3.50 -5.76
C ILE A 33 2.99 4.20 -4.51
N GLY A 34 1.73 3.92 -4.19
CA GLY A 34 1.12 4.48 -2.98
C GLY A 34 1.88 4.14 -1.71
N GLU A 35 2.39 2.91 -1.62
CA GLU A 35 3.11 2.50 -0.42
C GLU A 35 4.38 3.31 -0.33
N THR A 36 5.05 3.47 -1.48
CA THR A 36 6.27 4.24 -1.50
C THR A 36 6.01 5.70 -1.12
N MSE A 37 5.03 6.34 -1.76
CA MSE A 37 4.68 7.70 -1.38
C MSE A 37 4.49 7.78 0.12
O MSE A 37 5.05 8.66 0.79
CB MSE A 37 3.41 8.18 -2.09
CG MSE A 37 3.66 8.69 -3.48
SE MSE A 37 1.99 8.64 -4.47
CE MSE A 37 1.21 10.26 -3.69
N ALA A 38 3.75 6.83 0.66
CA ALA A 38 3.44 6.88 2.10
C ALA A 38 4.68 6.68 2.95
N ARG A 39 5.63 5.84 2.51
CA ARG A 39 6.88 5.70 3.29
C ARG A 39 7.61 7.05 3.32
N MSE A 40 7.69 7.74 2.17
CA MSE A 40 8.46 8.99 2.09
C MSE A 40 7.71 10.09 2.88
O MSE A 40 8.33 10.87 3.62
CB MSE A 40 8.66 9.42 0.62
CG MSE A 40 9.47 8.46 -0.32
SE MSE A 40 11.27 8.16 0.42
CE MSE A 40 10.96 6.41 1.20
N THR A 41 6.39 10.14 2.75
CA THR A 41 5.61 11.16 3.43
C THR A 41 5.76 11.02 4.94
N SER A 42 5.78 9.80 5.43
CA SER A 42 5.94 9.60 6.87
C SER A 42 7.32 10.02 7.34
N LEU A 43 8.36 9.71 6.55
CA LEU A 43 9.71 10.13 6.92
C LEU A 43 9.74 11.63 7.11
N SER A 44 9.19 12.33 6.11
CA SER A 44 9.12 13.76 6.12
C SER A 44 8.58 14.29 7.45
N ILE A 45 7.51 13.65 7.94
CA ILE A 45 6.82 14.09 9.16
C ILE A 45 7.58 13.76 10.44
N ALA A 46 8.24 12.60 10.44
CA ALA A 46 8.80 12.04 11.67
C ALA A 46 10.13 12.67 12.03
N ILE A 47 10.87 13.09 11.00
CA ILE A 47 12.25 13.47 11.22
C ILE A 47 12.37 14.84 11.89
N ASP A 48 13.30 14.94 12.83
CA ASP A 48 13.62 16.21 13.46
C ASP A 48 14.06 17.25 12.42
N ARG A 49 13.48 18.45 12.54
CA ARG A 49 13.91 19.58 11.73
C ARG A 49 14.73 20.52 12.60
N PRO A 50 15.72 21.21 12.02
CA PRO A 50 16.16 21.00 10.62
C PRO A 50 16.81 19.64 10.44
N VAL A 51 16.72 19.10 9.23
CA VAL A 51 17.16 17.76 8.95
C VAL A 51 18.67 17.61 9.09
N ASP A 52 19.09 16.70 9.97
CA ASP A 52 20.50 16.38 10.12
C ASP A 52 20.94 15.43 9.00
N ILE A 53 21.89 15.85 8.19
CA ILE A 53 22.23 15.03 7.03
C ILE A 53 22.70 13.62 7.44
N LYS A 54 23.46 13.52 8.53
CA LYS A 54 23.96 12.21 8.97
C LYS A 54 22.81 11.27 9.31
N LYS A 55 21.80 11.79 9.99
CA LYS A 55 20.67 10.96 10.37
C LYS A 55 19.85 10.55 9.15
N MSE A 56 19.64 11.50 8.25
CA MSE A 56 18.94 11.21 7.02
C MSE A 56 19.64 10.07 6.27
O MSE A 56 18.99 9.11 5.85
CB MSE A 56 18.83 12.46 6.14
CG MSE A 56 18.06 12.22 4.86
SE MSE A 56 16.29 11.45 5.25
CE MSE A 56 15.37 13.09 5.75
N GLN A 57 20.96 10.17 6.12
CA GLN A 57 21.73 9.12 5.43
C GLN A 57 21.42 7.76 6.03
N SER A 58 21.40 7.71 7.35
CA SER A 58 21.16 6.47 8.06
C SER A 58 19.74 5.97 7.83
N ILE A 59 18.79 6.89 7.85
CA ILE A 59 17.39 6.58 7.63
C ILE A 59 17.24 5.97 6.23
N LEU A 60 17.74 6.68 5.22
CA LEU A 60 17.65 6.18 3.87
C LEU A 60 18.23 4.77 3.76
N GLU A 61 19.41 4.55 4.36
CA GLU A 61 20.03 3.23 4.27
C GLU A 61 19.16 2.14 4.88
N LYS A 62 18.58 2.43 6.04
CA LYS A 62 17.73 1.46 6.71
C LYS A 62 16.48 1.18 5.87
N THR A 63 16.00 2.19 5.17
CA THR A 63 14.79 2.05 4.37
C THR A 63 15.09 1.25 3.12
N PHE A 64 16.23 1.53 2.49
CA PHE A 64 16.69 0.82 1.29
C PHE A 64 17.04 -0.64 1.52
N ASP A 65 17.75 -0.92 2.62
CA ASP A 65 18.26 -2.28 2.88
C ASP A 65 17.17 -3.27 3.33
N GLU A 67 14.60 -4.53 0.02
CA GLU A 67 13.67 -3.83 -0.86
C GLU A 67 14.28 -3.57 -2.24
N PRO A 68 14.46 -4.65 -3.04
CA PRO A 68 15.02 -4.57 -4.39
C PRO A 68 14.15 -3.74 -5.32
N ARG A 69 13.08 -3.18 -4.77
CA ARG A 69 12.23 -2.25 -5.50
C ARG A 69 13.11 -1.11 -6.00
N PHE A 70 13.93 -0.60 -5.09
CA PHE A 70 14.66 0.64 -5.31
C PHE A 70 15.96 0.53 -6.10
N SER A 71 16.10 1.43 -7.06
CA SER A 71 17.39 1.73 -7.65
C SER A 71 18.19 2.50 -6.60
N GLY A 72 17.48 3.33 -5.82
CA GLY A 72 18.10 4.04 -4.73
C GLY A 72 17.19 5.00 -4.01
N LEU A 73 17.61 5.41 -2.82
CA LEU A 73 16.94 6.48 -2.07
C LEU A 73 17.92 7.63 -1.96
N TYR A 74 17.44 8.84 -2.18
CA TYR A 74 18.31 9.99 -2.13
C TYR A 74 17.68 11.14 -1.37
N PHE A 75 18.53 12.07 -0.93
CA PHE A 75 18.04 13.29 -0.31
C PHE A 75 18.64 14.46 -1.07
N LEU A 76 17.82 15.47 -1.35
CA LEU A 76 18.30 16.66 -2.06
C LEU A 76 18.11 17.91 -1.18
N ASN A 77 19.04 18.86 -1.33
CA ASN A 77 18.87 20.18 -0.72
C ASN A 77 18.14 21.12 -1.66
N ALA A 78 17.83 22.32 -1.19
CA ALA A 78 17.06 23.26 -1.99
C ALA A 78 17.58 23.43 -3.42
N LYS A 79 18.88 23.28 -3.60
CA LYS A 79 19.50 23.52 -4.91
C LYS A 79 19.37 22.32 -5.83
N GLY A 80 19.30 21.13 -5.25
CA GLY A 80 19.17 19.92 -6.04
C GLY A 80 20.36 19.00 -5.88
N ASP A 81 21.31 19.39 -5.04
CA ASP A 81 22.49 18.57 -4.78
C ASP A 81 22.12 17.34 -3.96
N VAL A 82 22.65 16.18 -4.35
CA VAL A 82 22.37 14.97 -3.62
C VAL A 82 23.21 14.94 -2.34
N THR A 83 22.55 15.15 -1.20
CA THR A 83 23.27 15.32 0.05
C THR A 83 23.26 14.05 0.89
N ALA A 84 22.37 13.12 0.53
CA ALA A 84 22.37 11.80 1.16
C ALA A 84 21.99 10.78 0.09
N SER A 85 22.59 9.60 0.14
CA SER A 85 22.52 8.69 -1.01
C SER A 85 22.81 7.23 -0.64
N THR A 86 21.91 6.34 -1.03
CA THR A 86 22.10 4.90 -0.85
C THR A 86 23.29 4.42 -1.66
N THR A 87 23.44 4.97 -2.85
CA THR A 87 24.52 4.59 -3.76
C THR A 87 25.70 5.55 -3.62
N GLU A 88 26.89 5.00 -3.40
CA GLU A 88 28.08 5.82 -3.29
C GLU A 88 28.34 6.54 -4.61
N LEU A 89 28.74 7.80 -4.54
CA LEU A 89 28.95 8.60 -5.73
C LEU A 89 30.39 9.06 -5.88
N LYS A 90 30.98 8.79 -7.04
CA LYS A 90 32.32 9.25 -7.35
C LYS A 90 32.38 10.78 -7.39
N THR A 91 31.34 11.38 -7.97
CA THR A 91 31.30 12.83 -8.15
C THR A 91 29.96 13.40 -7.70
N LYS A 92 29.95 14.68 -7.36
CA LYS A 92 28.74 15.34 -6.89
C LYS A 92 27.67 15.35 -7.97
N VAL A 93 26.41 15.15 -7.57
CA VAL A 93 25.30 15.07 -8.50
C VAL A 93 24.22 16.11 -8.22
N ASN A 94 23.77 16.78 -9.27
CA ASN A 94 22.66 17.73 -9.15
C ASN A 94 21.45 17.29 -9.98
N LEU A 95 20.29 17.24 -9.35
CA LEU A 95 19.06 16.77 -9.98
C LEU A 95 18.10 17.90 -10.40
N ALA A 96 18.58 19.13 -10.32
CA ALA A 96 17.72 20.29 -10.56
C ALA A 96 17.15 20.33 -11.98
N ASP A 97 17.95 19.97 -12.96
CA ASP A 97 17.53 20.02 -14.35
C ASP A 97 16.41 19.01 -14.59
N ALA A 98 16.35 17.99 -13.72
CA ALA A 98 15.36 16.92 -13.82
C ALA A 98 13.92 17.45 -13.78
N SER A 99 13.09 16.88 -14.67
CA SER A 99 11.69 17.29 -14.81
C SER A 99 10.91 17.16 -13.51
N PHE A 100 11.07 16.03 -12.84
CA PHE A 100 10.31 15.79 -11.63
C PHE A 100 10.75 16.79 -10.55
N PHE A 101 12.03 17.15 -10.54
CA PHE A 101 12.51 18.12 -9.56
C PHE A 101 11.84 19.48 -9.78
N ILE A 102 11.94 20.00 -11.00
CA ILE A 102 11.25 21.24 -11.34
C ILE A 102 9.79 21.22 -10.92
N LYS A 103 9.06 20.18 -11.34
CA LYS A 103 7.64 20.08 -11.01
C LYS A 103 7.43 20.06 -9.50
N ALA A 104 8.33 19.38 -8.79
CA ALA A 104 8.20 19.27 -7.35
C ALA A 104 8.40 20.62 -6.69
N LYS A 105 9.35 21.39 -7.22
CA LYS A 105 9.69 22.69 -6.64
C LYS A 105 8.56 23.69 -6.83
N GLU A 106 8.00 23.73 -8.04
CA GLU A 106 6.91 24.65 -8.37
C GLU A 106 5.59 24.33 -7.67
N THR A 107 5.23 23.04 -7.60
CA THR A 107 3.95 22.65 -7.03
C THR A 107 4.01 22.50 -5.50
N LYS A 108 5.23 22.33 -4.99
CA LYS A 108 5.44 21.98 -3.58
C LYS A 108 4.65 20.72 -3.22
N LYS A 109 4.40 19.86 -4.19
CA LYS A 109 3.66 18.61 -3.97
C LYS A 109 4.46 17.39 -4.46
N THR A 110 4.13 16.23 -3.91
CA THR A 110 4.74 14.99 -4.39
C THR A 110 4.59 14.84 -5.91
N VAL A 111 5.62 14.30 -6.55
CA VAL A 111 5.61 14.07 -7.98
C VAL A 111 6.04 12.64 -8.33
N ILE A 112 5.30 11.98 -9.21
CA ILE A 112 5.75 10.72 -9.83
C ILE A 112 6.25 10.96 -11.25
N SER A 113 7.51 10.65 -11.52
CA SER A 113 8.09 10.89 -12.86
C SER A 113 7.76 9.79 -13.86
N ASP A 114 7.89 10.11 -15.14
CA ASP A 114 7.83 9.11 -16.19
C ASP A 114 9.14 8.30 -16.12
N SER A 115 9.24 7.21 -16.89
CA SER A 115 10.43 6.37 -16.81
C SER A 115 11.60 7.09 -17.50
N TYR A 116 12.81 6.86 -17.00
CA TYR A 116 14.01 7.42 -17.63
C TYR A 116 15.26 6.63 -17.21
N SER A 117 16.41 7.08 -17.69
CA SER A 117 17.63 6.36 -17.41
C SER A 117 18.44 7.09 -16.34
N SER A 118 18.54 6.47 -15.17
CA SER A 118 19.15 7.11 -14.01
C SER A 118 20.53 7.69 -14.31
N ARG A 119 20.72 8.96 -13.99
CA ARG A 119 22.02 9.59 -14.15
C ARG A 119 23.00 8.95 -13.18
N ILE A 120 22.45 8.32 -12.15
CA ILE A 120 23.26 7.78 -11.06
C ILE A 120 23.58 6.29 -11.18
N THR A 121 22.61 5.48 -11.56
CA THR A 121 22.83 4.04 -11.65
C THR A 121 22.86 3.54 -13.08
N GLY A 122 22.36 4.36 -14.00
CA GLY A 122 22.43 4.03 -15.42
C GLY A 122 21.30 3.13 -15.90
N GLN A 123 20.45 2.66 -14.99
CA GLN A 123 19.38 1.75 -15.38
C GLN A 123 18.02 2.47 -15.46
N PRO A 124 17.09 1.94 -16.27
CA PRO A 124 15.75 2.54 -16.41
C PRO A 124 15.01 2.57 -15.08
N ILE A 125 14.47 3.73 -14.73
CA ILE A 125 13.74 3.88 -13.49
C ILE A 125 12.58 4.85 -13.64
N PHE A 126 11.82 4.99 -12.57
CA PHE A 126 10.95 6.13 -12.43
C PHE A 126 11.06 6.61 -10.99
N THR A 127 10.81 7.89 -10.76
CA THR A 127 11.04 8.39 -9.41
C THR A 127 9.84 9.04 -8.77
N ILE A 128 9.78 8.80 -7.46
CA ILE A 128 8.81 9.42 -6.58
C ILE A 128 9.57 10.48 -5.79
N CYS A 129 9.15 11.72 -5.92
CA CYS A 129 9.87 12.83 -5.31
C CYS A 129 8.94 13.58 -4.37
N VAL A 130 9.33 13.64 -3.09
CA VAL A 130 8.50 14.29 -2.09
C VAL A 130 9.25 15.46 -1.48
N PRO A 131 8.72 16.67 -1.68
CA PRO A 131 9.36 17.88 -1.15
C PRO A 131 9.19 17.97 0.35
N VAL A 132 10.20 18.48 1.03
CA VAL A 132 10.15 18.69 2.47
C VAL A 132 9.98 20.18 2.76
N LEU A 133 8.94 20.51 3.52
CA LEU A 133 8.63 21.91 3.81
C LEU A 133 9.01 22.33 5.23
N ASP A 134 9.38 23.60 5.41
CA ASP A 134 9.53 24.15 6.75
C ASP A 134 8.16 24.61 7.29
N SER A 135 8.18 25.43 8.33
CA SER A 135 6.94 25.84 9.00
C SER A 135 6.11 26.77 8.13
N LYS A 136 6.78 27.64 7.39
CA LYS A 136 6.10 28.60 6.51
C LYS A 136 5.86 28.04 5.12
N ARG A 137 5.97 26.72 5.01
CA ARG A 137 5.70 26.00 3.77
C ARG A 137 6.64 26.32 2.62
N ASN A 138 7.88 26.68 2.93
CA ASN A 138 8.91 26.76 1.89
C ASN A 138 9.56 25.40 1.68
N VAL A 139 9.87 25.09 0.43
CA VAL A 139 10.58 23.85 0.13
C VAL A 139 12.05 24.00 0.48
N THR A 140 12.50 23.21 1.44
CA THR A 140 13.89 23.26 1.88
C THR A 140 14.68 22.05 1.40
N ASP A 141 14.00 20.93 1.19
CA ASP A 141 14.68 19.72 0.73
C ASP A 141 13.75 18.81 -0.07
N TYR A 142 14.29 17.70 -0.56
CA TYR A 142 13.52 16.72 -1.31
C TYR A 142 13.93 15.29 -0.96
N LEU A 143 12.96 14.43 -0.71
CA LEU A 143 13.16 12.99 -0.62
C LEU A 143 12.92 12.43 -2.02
N VAL A 144 13.81 11.53 -2.44
CA VAL A 144 13.74 10.98 -3.79
C VAL A 144 13.84 9.45 -3.77
N ALA A 145 12.80 8.79 -4.25
CA ALA A 145 12.80 7.33 -4.33
C ALA A 145 12.78 6.86 -5.79
N ALA A 146 13.80 6.13 -6.18
CA ALA A 146 13.89 5.65 -7.56
C ALA A 146 13.59 4.17 -7.64
N ILE A 147 12.61 3.78 -8.46
CA ILE A 147 12.28 2.36 -8.64
C ILE A 147 12.68 1.86 -10.03
N GLN A 148 13.15 0.62 -10.10
CA GLN A 148 13.57 0.05 -11.38
C GLN A 148 12.35 -0.40 -12.17
N ILE A 149 12.28 0.03 -13.43
CA ILE A 149 11.27 -0.50 -14.35
C ILE A 149 11.35 -2.02 -14.36
N ASP A 150 12.59 -2.52 -14.39
CA ASP A 150 12.91 -3.95 -14.30
C ASP A 150 12.08 -4.67 -13.24
N TYR A 151 12.00 -4.07 -12.07
CA TYR A 151 11.24 -4.64 -10.97
C TYR A 151 9.74 -4.77 -11.30
N LEU A 152 9.19 -3.76 -11.96
CA LEU A 152 7.77 -3.79 -12.31
C LEU A 152 7.52 -4.89 -13.32
N LYS A 153 8.39 -4.96 -14.33
CA LYS A 153 8.23 -5.96 -15.37
C LYS A 153 8.21 -7.32 -14.71
N ASN A 154 9.24 -7.60 -13.92
CA ASN A 154 9.36 -8.91 -13.29
C ASN A 154 8.18 -9.23 -12.38
N LEU A 155 7.62 -8.22 -11.71
CA LEU A 155 6.45 -8.47 -10.88
C LEU A 155 5.28 -8.94 -11.73
N ILE A 156 5.08 -8.28 -12.86
CA ILE A 156 4.04 -8.66 -13.80
C ILE A 156 4.30 -10.04 -14.42
N ASN A 157 5.56 -10.29 -14.75
CA ASN A 157 5.95 -11.52 -15.41
C ASN A 157 5.70 -12.76 -14.55
N LEU A 158 5.98 -12.65 -13.26
CA LEU A 158 5.83 -13.77 -12.36
C LEU A 158 4.37 -14.21 -12.27
N LEU A 159 3.46 -13.25 -12.16
CA LEU A 159 2.04 -13.55 -12.14
C LEU A 159 1.51 -14.12 -13.46
N SER A 160 1.94 -13.53 -14.57
CA SER A 160 1.47 -13.93 -15.88
C SER A 160 2.59 -14.08 -16.92
N PRO A 161 3.39 -15.12 -16.79
CA PRO A 161 4.49 -15.36 -17.72
C PRO A 161 4.01 -15.62 -19.15
N ASP A 162 2.93 -16.36 -19.30
CA ASP A 162 2.46 -16.80 -20.61
C ASP A 162 1.49 -15.85 -21.32
N VAL A 163 1.14 -14.74 -20.65
CA VAL A 163 0.18 -13.79 -21.23
C VAL A 163 0.83 -12.44 -21.54
N TYR A 164 0.61 -11.95 -22.76
CA TYR A 164 1.17 -10.66 -23.16
C TYR A 164 0.55 -9.46 -22.44
N ILE A 165 1.40 -8.53 -22.04
CA ILE A 165 1.00 -7.31 -21.36
C ILE A 165 1.96 -6.18 -21.73
N GLU A 166 1.39 -5.08 -22.18
CA GLU A 166 2.16 -3.98 -22.71
C GLU A 166 1.84 -2.74 -21.89
N VAL A 167 2.86 -2.01 -21.47
CA VAL A 167 2.68 -0.77 -20.74
C VAL A 167 3.34 0.40 -21.48
N VAL A 168 2.60 1.47 -21.69
CA VAL A 168 3.02 2.53 -22.61
C VAL A 168 2.61 3.88 -22.01
N ASN A 169 3.40 4.93 -22.23
CA ASN A 169 3.04 6.22 -21.61
C ASN A 169 2.09 6.97 -22.49
N GLN A 170 1.72 8.17 -22.05
CA GLN A 170 0.65 8.91 -22.71
C GLN A 170 0.96 9.17 -24.18
N ASP A 171 2.26 9.17 -24.53
CA ASP A 171 2.67 9.44 -25.91
C ASP A 171 3.17 8.22 -26.67
N GLY A 172 2.78 7.03 -26.23
CA GLY A 172 3.12 5.83 -26.99
C GLY A 172 4.54 5.32 -26.77
N LYS A 173 5.30 5.94 -25.86
CA LYS A 173 6.61 5.41 -25.50
C LYS A 173 6.48 4.12 -24.69
N MSE A 174 7.14 3.08 -25.17
CA MSE A 174 7.15 1.80 -24.50
C MSE A 174 7.84 1.90 -23.16
O MSE A 174 9.02 2.27 -23.07
CB MSE A 174 7.89 0.75 -25.36
CG MSE A 174 8.09 -0.56 -24.65
SE MSE A 174 6.37 -1.53 -24.60
CE MSE A 174 6.29 -2.05 -26.50
N ILE A 175 7.13 1.58 -22.09
CA ILE A 175 7.74 1.49 -20.77
C ILE A 175 8.29 0.08 -20.63
N PHE A 176 7.41 -0.90 -20.80
CA PHE A 176 7.85 -2.29 -20.83
C PHE A 176 6.74 -3.22 -21.32
N ALA A 177 7.14 -4.43 -21.65
CA ALA A 177 6.20 -5.45 -22.08
C ALA A 177 6.59 -6.74 -21.40
N SER A 178 5.59 -7.53 -21.03
CA SER A 178 5.81 -8.78 -20.33
C SER A 178 5.19 -9.87 -21.16
N GLY A 179 5.86 -11.02 -21.24
CA GLY A 179 5.35 -12.14 -22.03
C GLY A 179 5.64 -12.02 -23.51
N GLN A 180 5.11 -12.97 -24.29
CA GLN A 180 5.42 -13.06 -25.71
C GLN A 180 4.38 -12.38 -26.61
N ALA A 181 4.83 -11.43 -27.40
CA ALA A 181 3.94 -10.71 -28.30
C ALA A 181 3.10 -11.64 -29.17
N SER A 182 3.68 -12.78 -29.56
CA SER A 182 2.93 -13.72 -30.38
C SER A 182 1.55 -14.03 -29.80
N HIS A 183 1.42 -13.96 -28.48
CA HIS A 183 0.13 -14.20 -27.81
C HIS A 183 -0.91 -13.12 -28.11
N ALA A 184 -0.45 -11.97 -28.59
CA ALA A 184 -1.35 -10.85 -28.87
C ALA A 184 -1.96 -10.94 -30.27
N GLU A 185 -1.45 -11.88 -31.07
CA GLU A 185 -1.85 -11.94 -32.48
C GLU A 185 -3.36 -12.15 -32.65
N ASP A 186 -3.99 -11.27 -33.44
CA ASP A 186 -5.42 -11.32 -33.71
C ASP A 186 -6.27 -10.91 -32.49
N GLN A 187 -5.64 -10.34 -31.47
CA GLN A 187 -6.38 -9.99 -30.26
C GLN A 187 -6.44 -8.50 -29.99
N LYS A 188 -7.57 -8.04 -29.49
CA LYS A 188 -7.68 -6.67 -29.02
C LYS A 188 -7.41 -6.68 -27.52
N PRO A 189 -6.63 -5.72 -27.03
CA PRO A 189 -6.25 -5.75 -25.62
C PRO A 189 -7.31 -5.09 -24.73
N VAL A 190 -7.47 -5.59 -23.52
CA VAL A 190 -8.21 -4.86 -22.49
C VAL A 190 -7.23 -3.92 -21.81
N SER A 191 -7.51 -2.63 -21.83
CA SER A 191 -6.51 -1.67 -21.39
C SER A 191 -7.01 -0.69 -20.31
N GLY A 192 -6.09 0.05 -19.70
CA GLY A 192 -6.42 1.00 -18.65
C GLY A 192 -5.22 1.75 -18.09
N TYR A 193 -5.40 3.02 -17.76
CA TYR A 193 -4.32 3.85 -17.21
C TYR A 193 -4.08 3.57 -15.72
N LEU A 194 -2.89 3.89 -15.23
CA LEU A 194 -2.60 3.79 -13.80
C LEU A 194 -3.10 5.06 -13.12
N ASP A 195 -3.28 5.01 -11.79
CA ASP A 195 -3.74 6.20 -11.07
C ASP A 195 -2.74 7.36 -11.03
N ASP A 196 -1.52 7.08 -10.57
CA ASP A 196 -0.58 8.13 -10.19
C ASP A 196 0.42 8.52 -11.25
N ILE A 197 0.38 7.84 -12.39
CA ILE A 197 1.30 8.14 -13.47
C ILE A 197 0.63 7.78 -14.78
N SER A 198 0.89 8.54 -15.83
CA SER A 198 0.09 8.38 -17.03
C SER A 198 0.67 7.28 -17.90
N TRP A 199 0.59 6.07 -17.36
CA TRP A 199 1.00 4.89 -18.07
C TRP A 199 -0.23 4.08 -18.36
N ASN A 200 -0.41 3.75 -19.62
CA ASN A 200 -1.54 2.95 -20.02
C ASN A 200 -1.14 1.46 -20.14
N MSE A 201 -1.80 0.60 -19.37
CA MSE A 201 -1.51 -0.82 -19.40
C MSE A 201 -2.49 -1.54 -20.33
O MSE A 201 -3.69 -1.31 -20.27
CB MSE A 201 -1.54 -1.45 -18.00
CG MSE A 201 -1.31 -2.93 -18.01
SE MSE A 201 -1.30 -3.78 -16.21
CE MSE A 201 0.31 -2.98 -15.43
N LYS A 202 -1.95 -2.40 -21.21
CA LYS A 202 -2.74 -3.12 -22.21
C LYS A 202 -2.51 -4.60 -22.04
N VAL A 203 -3.57 -5.33 -21.71
CA VAL A 203 -3.46 -6.77 -21.50
C VAL A 203 -4.15 -7.49 -22.64
N TYR A 204 -3.45 -8.43 -23.27
CA TYR A 204 -4.02 -9.13 -24.42
C TYR A 204 -4.60 -10.50 -24.03
N PRO A 205 -5.91 -10.68 -24.25
CA PRO A 205 -6.55 -11.98 -23.96
C PRO A 205 -5.88 -13.10 -24.76
N ASN A 206 -5.87 -14.31 -24.22
CA ASN A 206 -5.39 -15.47 -24.97
C ASN A 206 -6.39 -15.97 -26.02
N PRO A 207 -5.92 -16.73 -27.01
CA PRO A 207 -6.82 -17.18 -28.08
C PRO A 207 -7.83 -18.22 -27.61
N VAL A 208 -8.99 -18.29 -28.27
CA VAL A 208 -9.93 -19.40 -28.07
C VAL A 208 -9.25 -20.65 -28.65
N THR A 209 -9.30 -21.76 -27.90
CA THR A 209 -8.42 -22.89 -28.22
C THR A 209 -8.88 -24.27 -27.72
N ILE A 210 -9.37 -25.11 -28.64
CA ILE A 210 -9.63 -26.52 -28.35
C ILE A 210 -9.34 -27.41 -29.57
N LYS B 5 -31.06 -24.26 -18.78
CA LYS B 5 -29.76 -24.59 -19.33
C LYS B 5 -28.99 -23.32 -19.75
N GLU B 6 -29.73 -22.27 -20.06
CA GLU B 6 -29.12 -20.96 -20.24
C GLU B 6 -29.08 -20.30 -18.87
N LYS B 7 -29.82 -20.91 -17.93
CA LYS B 7 -29.79 -20.55 -16.52
C LYS B 7 -28.34 -20.59 -16.05
N ASP B 8 -27.70 -21.72 -16.33
CA ASP B 8 -26.34 -22.01 -15.91
C ASP B 8 -25.32 -21.09 -16.56
N THR B 9 -25.76 -20.37 -17.59
CA THR B 9 -24.89 -19.43 -18.27
C THR B 9 -24.96 -18.06 -17.61
N ILE B 10 -26.13 -17.68 -17.13
CA ILE B 10 -26.25 -16.46 -16.34
C ILE B 10 -25.62 -16.68 -14.97
N ALA B 11 -25.77 -17.89 -14.43
CA ALA B 11 -25.15 -18.23 -13.14
C ALA B 11 -23.63 -18.08 -13.17
N ALA B 12 -22.99 -18.58 -14.23
CA ALA B 12 -21.54 -18.49 -14.37
C ALA B 12 -21.09 -17.03 -14.40
N GLU B 13 -21.91 -16.19 -15.05
CA GLU B 13 -21.68 -14.75 -15.10
C GLU B 13 -21.83 -14.10 -13.72
N HIS B 14 -22.86 -14.50 -12.98
CA HIS B 14 -23.05 -14.03 -11.62
C HIS B 14 -21.87 -14.48 -10.74
N LYS B 15 -21.38 -15.68 -10.98
CA LYS B 15 -20.25 -16.20 -10.21
C LYS B 15 -19.00 -15.39 -10.50
N GLN B 16 -18.74 -15.17 -11.79
CA GLN B 16 -17.63 -14.35 -12.24
C GLN B 16 -17.67 -12.97 -11.58
N GLU B 17 -18.86 -12.36 -11.51
CA GLU B 17 -19.00 -11.06 -10.86
C GLU B 17 -18.60 -11.15 -9.39
N ALA B 18 -19.00 -12.23 -8.73
CA ALA B 18 -18.63 -12.47 -7.35
C ALA B 18 -17.11 -12.48 -7.19
N SER B 19 -16.41 -13.18 -8.09
CA SER B 19 -14.93 -13.21 -8.04
C SER B 19 -14.33 -11.82 -8.26
N VAL B 20 -14.91 -11.07 -9.19
CA VAL B 20 -14.45 -9.70 -9.41
C VAL B 20 -14.62 -8.82 -8.15
N LEU B 21 -15.75 -8.96 -7.46
CA LEU B 21 -15.93 -8.20 -6.23
C LEU B 21 -14.97 -8.70 -5.16
N LEU B 22 -14.75 -10.01 -5.12
CA LEU B 22 -13.84 -10.58 -4.13
C LEU B 22 -12.45 -9.96 -4.26
N ASN B 23 -11.93 -9.93 -5.49
CA ASN B 23 -10.60 -9.35 -5.72
C ASN B 23 -10.59 -7.86 -5.49
N LEU B 24 -11.65 -7.18 -5.93
CA LEU B 24 -11.73 -5.75 -5.72
C LEU B 24 -11.69 -5.45 -4.22
N HIS B 25 -12.54 -6.12 -3.44
CA HIS B 25 -12.62 -5.79 -2.01
C HIS B 25 -11.40 -6.20 -1.18
N ARG B 26 -10.79 -7.36 -1.45
CA ARG B 26 -9.54 -7.68 -0.73
C ARG B 26 -8.48 -6.64 -1.02
N ASN B 27 -8.29 -6.29 -2.28
CA ASN B 27 -7.26 -5.30 -2.62
C ASN B 27 -7.41 -4.05 -1.81
N LYS B 28 -8.65 -3.55 -1.70
CA LYS B 28 -8.86 -2.33 -0.94
C LYS B 28 -8.36 -2.53 0.50
N ILE B 29 -8.74 -3.64 1.15
CA ILE B 29 -8.32 -3.87 2.52
C ILE B 29 -6.81 -4.12 2.65
N ASN B 30 -6.27 -4.94 1.75
CA ASN B 30 -4.83 -5.18 1.67
C ASN B 30 -4.03 -3.89 1.54
N TYR B 31 -4.51 -2.99 0.67
CA TYR B 31 -3.82 -1.73 0.48
C TYR B 31 -3.82 -0.95 1.78
N LEU B 32 -5.00 -0.84 2.37
CA LEU B 32 -5.19 -0.14 3.64
C LEU B 32 -4.20 -0.66 4.68
N ILE B 33 -4.16 -1.99 4.84
CA ILE B 33 -3.34 -2.58 5.87
C ILE B 33 -1.87 -2.38 5.53
N GLY B 34 -1.53 -2.66 4.27
CA GLY B 34 -0.17 -2.50 3.80
C GLY B 34 0.37 -1.09 3.92
N GLU B 35 -0.46 -0.12 3.56
CA GLU B 35 -0.01 1.28 3.64
C GLU B 35 0.21 1.66 5.10
N THR B 36 -0.67 1.19 6.00
CA THR B 36 -0.54 1.49 7.42
C THR B 36 0.77 0.89 8.00
N MSE B 37 1.05 -0.36 7.64
CA MSE B 37 2.31 -0.98 8.05
C MSE B 37 3.48 -0.14 7.56
O MSE B 37 4.43 0.16 8.32
CB MSE B 37 2.43 -2.42 7.53
CG MSE B 37 1.38 -3.37 8.11
SE MSE B 37 1.32 -5.05 7.13
CE MSE B 37 3.16 -5.61 7.48
N ALA B 38 3.41 0.28 6.30
CA ALA B 38 4.51 1.09 5.75
C ALA B 38 4.71 2.37 6.58
N ARG B 39 3.62 3.11 6.81
N ARG B 39 3.63 3.12 6.82
CA ARG B 39 3.71 4.36 7.53
CA ARG B 39 3.73 4.37 7.54
C ARG B 39 4.31 4.16 8.93
C ARG B 39 4.28 4.20 8.96
N MSE B 40 3.73 3.23 9.70
CA MSE B 40 4.21 2.94 11.05
C MSE B 40 5.69 2.53 10.99
O MSE B 40 6.50 2.97 11.81
CB MSE B 40 3.36 1.85 11.74
CG MSE B 40 1.89 2.21 11.93
SE MSE B 40 1.60 3.84 13.00
CE MSE B 40 1.11 5.01 11.56
N THR B 41 6.04 1.71 10.01
CA THR B 41 7.44 1.30 9.88
C THR B 41 8.34 2.51 9.64
N SER B 42 7.95 3.41 8.73
CA SER B 42 8.77 4.61 8.51
C SER B 42 8.89 5.45 9.79
N LEU B 43 7.77 5.67 10.48
CA LEU B 43 7.85 6.40 11.75
C LEU B 43 8.90 5.75 12.67
N SER B 44 8.84 4.41 12.79
CA SER B 44 9.72 3.71 13.73
C SER B 44 11.20 3.90 13.38
N ILE B 45 11.49 4.04 12.09
CA ILE B 45 12.85 4.26 11.64
C ILE B 45 13.31 5.70 11.81
N ALA B 46 12.39 6.66 11.65
CA ALA B 46 12.79 8.06 11.53
C ALA B 46 12.88 8.84 12.84
N ILE B 47 12.35 8.28 13.91
CA ILE B 47 12.32 9.01 15.17
C ILE B 47 13.67 8.99 15.89
N ASP B 48 14.10 10.17 16.30
CA ASP B 48 15.39 10.34 16.95
C ASP B 48 15.30 9.89 18.41
N ARG B 49 16.34 9.21 18.90
CA ARG B 49 16.38 8.83 20.31
C ARG B 49 17.23 9.81 21.10
N PRO B 50 16.86 10.06 22.38
CA PRO B 50 15.70 9.47 23.08
C PRO B 50 14.40 10.10 22.60
N VAL B 51 13.37 9.28 22.41
CA VAL B 51 12.10 9.75 21.86
C VAL B 51 11.48 10.85 22.68
N ASP B 52 11.27 12.01 22.06
CA ASP B 52 10.56 13.07 22.73
C ASP B 52 9.04 12.84 22.62
N ILE B 53 8.39 12.67 23.77
CA ILE B 53 6.99 12.26 23.76
C ILE B 53 6.05 13.30 23.16
N LYS B 54 6.31 14.59 23.38
CA LYS B 54 5.45 15.61 22.78
C LYS B 54 5.57 15.66 21.26
N LYS B 55 6.79 15.50 20.75
CA LYS B 55 6.97 15.40 19.30
C LYS B 55 6.21 14.18 18.77
N MSE B 56 6.32 13.06 19.48
CA MSE B 56 5.62 11.84 19.06
C MSE B 56 4.10 12.04 19.07
O MSE B 56 3.40 11.58 18.16
CB MSE B 56 5.99 10.63 19.93
CG MSE B 56 5.19 9.36 19.60
SE MSE B 56 5.45 8.81 17.70
CE MSE B 56 7.42 8.67 17.82
N GLN B 57 3.60 12.72 20.09
CA GLN B 57 2.18 13.03 20.18
C GLN B 57 1.76 13.79 18.93
N SER B 58 2.58 14.76 18.55
CA SER B 58 2.29 15.62 17.41
C SER B 58 2.32 14.88 16.07
N ILE B 59 3.32 14.02 15.89
CA ILE B 59 3.38 13.16 14.71
C ILE B 59 2.14 12.25 14.59
N LEU B 60 1.73 11.62 15.69
CA LEU B 60 0.53 10.77 15.61
C LEU B 60 -0.69 11.60 15.24
N GLU B 61 -0.85 12.77 15.84
CA GLU B 61 -1.98 13.62 15.47
C GLU B 61 -1.96 13.93 13.97
N LYS B 62 -0.79 14.29 13.44
CA LYS B 62 -0.74 14.61 12.01
C LYS B 62 -1.05 13.37 11.19
N THR B 63 -0.51 12.22 11.60
CA THR B 63 -0.72 11.00 10.84
C THR B 63 -2.19 10.62 10.85
N PHE B 64 -2.86 10.88 11.97
CA PHE B 64 -4.25 10.50 12.19
C PHE B 64 -5.22 11.37 11.42
N ASP B 65 -4.84 12.63 11.22
CA ASP B 65 -5.78 13.64 10.75
C ASP B 65 -6.38 13.37 9.38
N SER B 66 -7.71 13.48 9.30
CA SER B 66 -8.45 13.25 8.06
C SER B 66 -8.28 11.83 7.52
N GLU B 67 -8.33 10.85 8.41
CA GLU B 67 -8.16 9.45 8.02
C GLU B 67 -9.15 8.57 8.79
N PRO B 68 -10.41 8.53 8.34
CA PRO B 68 -11.51 7.88 9.07
C PRO B 68 -11.26 6.38 9.26
N ARG B 69 -10.28 5.85 8.54
CA ARG B 69 -9.84 4.48 8.71
C ARG B 69 -9.46 4.23 10.15
N PHE B 70 -8.77 5.19 10.76
CA PHE B 70 -8.25 4.97 12.10
C PHE B 70 -9.24 5.19 13.22
N SER B 71 -9.31 4.22 14.12
CA SER B 71 -9.92 4.38 15.42
C SER B 71 -9.02 5.29 16.23
N GLY B 72 -7.72 5.07 16.12
CA GLY B 72 -6.72 5.86 16.83
C GLY B 72 -5.29 5.41 16.56
N LEU B 73 -4.33 6.27 16.88
CA LEU B 73 -2.91 5.92 16.80
C LEU B 73 -2.33 6.16 18.19
N TYR B 74 -1.40 5.31 18.60
CA TYR B 74 -0.88 5.34 19.96
C TYR B 74 0.59 4.97 20.00
N PHE B 75 1.27 5.41 21.07
CA PHE B 75 2.66 5.07 21.29
C PHE B 75 2.78 4.38 22.65
N LEU B 76 3.59 3.34 22.71
CA LEU B 76 3.69 2.53 23.92
C LEU B 76 5.13 2.51 24.41
N ASN B 77 5.32 2.62 25.73
CA ASN B 77 6.65 2.36 26.27
C ASN B 77 6.93 0.84 26.40
N ALA B 78 8.14 0.46 26.81
CA ALA B 78 8.49 -0.95 26.81
C ALA B 78 7.56 -1.76 27.71
N LYS B 79 7.03 -1.13 28.76
CA LYS B 79 6.09 -1.83 29.64
C LYS B 79 4.71 -2.00 29.02
N GLY B 80 4.38 -1.18 28.01
CA GLY B 80 3.07 -1.25 27.41
C GLY B 80 2.11 -0.15 27.85
N ASP B 81 2.61 0.84 28.58
CA ASP B 81 1.84 2.05 28.86
C ASP B 81 1.62 2.87 27.60
N VAL B 82 0.40 3.35 27.40
CA VAL B 82 0.16 4.29 26.32
C VAL B 82 0.69 5.65 26.74
N THR B 83 1.73 6.12 26.06
CA THR B 83 2.40 7.37 26.41
C THR B 83 2.08 8.52 25.46
N ALA B 84 1.56 8.19 24.28
CA ALA B 84 1.00 9.20 23.39
C ALA B 84 -0.19 8.57 22.68
N SER B 85 -1.19 9.39 22.38
CA SER B 85 -2.47 8.84 21.99
C SER B 85 -3.29 9.89 21.27
N THR B 86 -3.93 9.49 20.18
CA THR B 86 -4.80 10.42 19.46
C THR B 86 -6.14 10.48 20.17
N THR B 87 -6.37 9.53 21.08
CA THR B 87 -7.61 9.52 21.85
C THR B 87 -7.35 10.16 23.20
N GLU B 88 -8.23 11.06 23.63
CA GLU B 88 -8.09 11.68 24.95
C GLU B 88 -8.37 10.66 26.06
N LEU B 89 -7.30 10.19 26.70
CA LEU B 89 -7.41 9.15 27.74
C LEU B 89 -7.81 9.71 29.10
N LYS B 90 -8.78 9.06 29.74
CA LYS B 90 -9.26 9.49 31.05
C LYS B 90 -8.51 8.79 32.18
N THR B 91 -7.97 7.61 31.90
CA THR B 91 -7.12 6.91 32.86
C THR B 91 -5.81 6.52 32.20
N LYS B 92 -4.90 5.97 32.99
CA LYS B 92 -3.71 5.36 32.42
C LYS B 92 -4.12 4.03 31.80
N VAL B 93 -3.58 3.74 30.61
CA VAL B 93 -3.95 2.55 29.85
C VAL B 93 -2.71 1.72 29.58
N ASN B 94 -2.78 0.43 29.90
CA ASN B 94 -1.66 -0.48 29.63
C ASN B 94 -2.11 -1.68 28.78
N LEU B 95 -1.33 -2.02 27.76
CA LEU B 95 -1.74 -3.03 26.79
C LEU B 95 -0.85 -4.28 26.83
N ALA B 96 -0.02 -4.39 27.85
CA ALA B 96 0.93 -5.50 27.91
C ALA B 96 0.24 -6.86 27.83
N ASP B 97 -1.06 -6.90 28.11
CA ASP B 97 -1.79 -8.17 28.14
C ASP B 97 -2.43 -8.51 26.79
N ALA B 98 -2.43 -7.55 25.88
CA ALA B 98 -2.97 -7.76 24.54
C ALA B 98 -2.16 -8.80 23.77
N SER B 99 -2.85 -9.64 22.99
CA SER B 99 -2.18 -10.65 22.17
C SER B 99 -1.14 -10.00 21.26
N PHE B 100 -1.55 -8.95 20.56
CA PHE B 100 -0.65 -8.32 19.60
C PHE B 100 0.60 -7.79 20.30
N PHE B 101 0.45 -7.30 21.52
CA PHE B 101 1.61 -6.80 22.25
C PHE B 101 2.56 -7.93 22.58
N ILE B 102 2.02 -9.04 23.07
CA ILE B 102 2.84 -10.16 23.49
C ILE B 102 3.60 -10.73 22.29
N LYS B 103 2.92 -10.82 21.14
CA LYS B 103 3.56 -11.32 19.94
C LYS B 103 4.63 -10.35 19.44
N ALA B 104 4.30 -9.06 19.46
CA ALA B 104 5.23 -8.04 18.99
C ALA B 104 6.51 -8.08 19.82
N LYS B 105 6.36 -8.08 21.14
CA LYS B 105 7.48 -8.14 22.06
C LYS B 105 8.37 -9.34 21.81
N GLU B 106 7.76 -10.48 21.56
CA GLU B 106 8.51 -11.72 21.44
C GLU B 106 9.15 -11.84 20.05
N THR B 107 8.38 -11.53 19.01
CA THR B 107 8.91 -11.65 17.65
C THR B 107 9.84 -10.48 17.28
N LYS B 108 9.59 -9.32 17.88
CA LYS B 108 10.31 -8.10 17.52
C LYS B 108 10.03 -7.74 16.05
N LYS B 109 8.88 -8.19 15.55
CA LYS B 109 8.42 -7.82 14.22
C LYS B 109 7.00 -7.28 14.29
N THR B 110 6.59 -6.61 13.22
CA THR B 110 5.24 -6.08 13.11
C THR B 110 4.20 -7.17 13.32
N VAL B 111 3.12 -6.82 14.01
CA VAL B 111 2.01 -7.73 14.23
C VAL B 111 0.70 -7.11 13.74
N ILE B 112 -0.08 -7.91 13.04
CA ILE B 112 -1.44 -7.55 12.68
C ILE B 112 -2.38 -8.40 13.53
N SER B 113 -3.16 -7.78 14.41
CA SER B 113 -4.01 -8.54 15.32
C SER B 113 -5.32 -8.96 14.67
N ASP B 114 -5.96 -9.94 15.30
CA ASP B 114 -7.35 -10.27 14.99
C ASP B 114 -8.21 -9.10 15.49
N SER B 115 -9.49 -9.12 15.16
CA SER B 115 -10.41 -8.08 15.61
C SER B 115 -10.76 -8.29 17.07
N TYR B 116 -11.16 -7.20 17.72
CA TYR B 116 -11.55 -7.19 19.13
C TYR B 116 -12.19 -5.85 19.45
N SER B 117 -12.75 -5.74 20.65
CA SER B 117 -13.37 -4.50 21.09
C SER B 117 -12.33 -3.67 21.81
N SER B 118 -12.08 -2.46 21.33
CA SER B 118 -11.07 -1.58 21.92
C SER B 118 -11.38 -1.28 23.39
N ARG B 119 -10.37 -1.41 24.24
CA ARG B 119 -10.49 -0.96 25.62
C ARG B 119 -10.70 0.54 25.63
N ILE B 120 -10.16 1.22 24.63
CA ILE B 120 -10.10 2.67 24.64
C ILE B 120 -11.36 3.32 24.08
N THR B 121 -11.91 2.73 23.03
CA THR B 121 -13.03 3.36 22.32
C THR B 121 -14.29 2.51 22.37
N GLY B 122 -14.17 1.32 22.95
CA GLY B 122 -15.28 0.38 23.02
C GLY B 122 -15.70 -0.22 21.69
N GLN B 123 -15.12 0.25 20.58
CA GLN B 123 -15.58 -0.23 19.27
C GLN B 123 -14.79 -1.43 18.71
N PRO B 124 -15.36 -2.11 17.70
CA PRO B 124 -14.62 -3.22 17.08
C PRO B 124 -13.48 -2.70 16.23
N ILE B 125 -12.28 -3.20 16.47
CA ILE B 125 -11.13 -2.76 15.72
C ILE B 125 -10.20 -3.92 15.45
N PHE B 126 -9.13 -3.65 14.70
CA PHE B 126 -7.98 -4.53 14.70
C PHE B 126 -6.77 -3.60 14.67
N THR B 127 -5.61 -4.07 15.14
CA THR B 127 -4.47 -3.15 15.25
C THR B 127 -3.21 -3.66 14.58
N ILE B 128 -2.43 -2.72 14.10
CA ILE B 128 -1.13 -2.98 13.51
C ILE B 128 -0.14 -2.44 14.54
N CYS B 129 0.77 -3.30 14.97
CA CYS B 129 1.71 -2.90 16.01
C CYS B 129 3.14 -3.10 15.54
N VAL B 130 3.91 -2.02 15.52
CA VAL B 130 5.31 -2.07 15.13
C VAL B 130 6.22 -1.80 16.32
N PRO B 131 7.05 -2.79 16.67
CA PRO B 131 7.99 -2.58 17.78
C PRO B 131 9.14 -1.67 17.32
N VAL B 132 9.59 -0.74 18.17
CA VAL B 132 10.76 0.06 17.83
C VAL B 132 12.01 -0.48 18.54
N LEU B 133 13.09 -0.71 17.78
CA LEU B 133 14.24 -1.42 18.33
C LEU B 133 15.47 -0.58 18.65
N ASP B 134 16.26 -1.10 19.58
CA ASP B 134 17.53 -0.54 20.02
C ASP B 134 18.61 -0.70 18.96
N SER B 135 19.71 0.02 19.13
CA SER B 135 20.90 -0.28 18.37
C SER B 135 21.19 -1.76 18.63
N LYS B 136 21.00 -2.17 19.89
CA LYS B 136 21.20 -3.55 20.32
C LYS B 136 20.04 -4.48 19.95
N ARG B 137 19.12 -4.00 19.12
CA ARG B 137 17.94 -4.77 18.75
C ARG B 137 17.07 -5.16 19.94
N ASN B 138 17.04 -4.29 20.95
CA ASN B 138 16.12 -4.42 22.08
C ASN B 138 14.85 -3.59 21.83
N VAL B 139 13.69 -4.14 22.17
CA VAL B 139 12.43 -3.40 22.01
C VAL B 139 12.32 -2.32 23.07
N THR B 140 12.21 -1.07 22.64
CA THR B 140 12.10 0.04 23.58
C THR B 140 10.73 0.70 23.56
N ASP B 141 9.99 0.50 22.48
CA ASP B 141 8.70 1.17 22.31
C ASP B 141 7.84 0.47 21.25
N TYR B 142 6.58 0.86 21.18
CA TYR B 142 5.67 0.28 20.20
C TYR B 142 4.82 1.34 19.54
N LEU B 143 4.76 1.32 18.20
CA LEU B 143 3.75 2.10 17.49
C LEU B 143 2.54 1.23 17.29
N VAL B 144 1.36 1.81 17.48
CA VAL B 144 0.11 1.06 17.44
C VAL B 144 -0.91 1.83 16.65
N ALA B 145 -1.41 1.21 15.57
CA ALA B 145 -2.44 1.85 14.75
C ALA B 145 -3.68 0.99 14.75
N ALA B 146 -4.78 1.57 15.21
CA ALA B 146 -6.03 0.85 15.33
C ALA B 146 -6.96 1.27 14.20
N ILE B 147 -7.54 0.28 13.54
CA ILE B 147 -8.40 0.51 12.40
C ILE B 147 -9.82 0.07 12.72
N GLN B 148 -10.80 0.91 12.41
CA GLN B 148 -12.21 0.61 12.74
C GLN B 148 -12.75 -0.47 11.81
N ILE B 149 -13.18 -1.59 12.38
CA ILE B 149 -13.82 -2.60 11.55
C ILE B 149 -14.96 -2.01 10.72
N ASP B 150 -15.78 -1.17 11.32
CA ASP B 150 -16.92 -0.62 10.57
C ASP B 150 -16.53 0.26 9.39
N TYR B 151 -15.34 0.86 9.45
CA TYR B 151 -14.84 1.60 8.29
C TYR B 151 -14.73 0.67 7.09
N LEU B 152 -14.12 -0.50 7.29
CA LEU B 152 -14.00 -1.49 6.22
C LEU B 152 -15.37 -1.94 5.76
N LYS B 153 -16.27 -2.15 6.70
CA LYS B 153 -17.57 -2.72 6.37
C LYS B 153 -18.31 -1.77 5.46
N ASN B 154 -18.30 -0.49 5.83
CA ASN B 154 -19.08 0.50 5.10
C ASN B 154 -18.46 0.79 3.76
N LEU B 155 -17.15 0.62 3.68
CA LEU B 155 -16.41 0.76 2.44
C LEU B 155 -16.98 -0.23 1.44
N ILE B 156 -16.97 -1.50 1.83
CA ILE B 156 -17.48 -2.56 0.99
C ILE B 156 -18.97 -2.39 0.72
N ASN B 157 -19.75 -2.08 1.75
CA ASN B 157 -21.19 -1.99 1.57
C ASN B 157 -21.58 -0.90 0.58
N LEU B 158 -20.87 0.22 0.60
CA LEU B 158 -21.19 1.31 -0.30
C LEU B 158 -20.98 0.87 -1.75
N LEU B 159 -19.88 0.19 -2.00
CA LEU B 159 -19.59 -0.34 -3.32
C LEU B 159 -20.57 -1.42 -3.78
N SER B 160 -20.91 -2.32 -2.86
CA SER B 160 -21.76 -3.47 -3.18
C SER B 160 -22.91 -3.66 -2.19
N PRO B 161 -23.90 -2.80 -2.25
CA PRO B 161 -25.09 -2.89 -1.38
C PRO B 161 -25.89 -4.17 -1.60
N ASP B 162 -26.00 -4.60 -2.85
CA ASP B 162 -26.87 -5.71 -3.24
C ASP B 162 -26.25 -7.10 -3.12
N VAL B 163 -24.99 -7.17 -2.72
CA VAL B 163 -24.28 -8.45 -2.62
C VAL B 163 -23.95 -8.81 -1.17
N TYR B 164 -24.21 -10.06 -0.79
CA TYR B 164 -23.94 -10.48 0.58
C TYR B 164 -22.50 -10.95 0.67
N ILE B 165 -21.76 -10.36 1.61
CA ILE B 165 -20.33 -10.62 1.80
C ILE B 165 -20.02 -10.81 3.29
N GLU B 166 -19.34 -11.90 3.62
CA GLU B 166 -18.98 -12.15 5.01
C GLU B 166 -17.48 -12.20 5.05
N VAL B 167 -16.93 -11.71 6.16
CA VAL B 167 -15.52 -11.89 6.43
C VAL B 167 -15.45 -12.58 7.78
N VAL B 168 -14.60 -13.59 7.83
CA VAL B 168 -14.59 -14.51 8.96
C VAL B 168 -13.16 -14.87 9.28
N ASN B 169 -12.80 -14.94 10.57
CA ASN B 169 -11.43 -15.36 10.88
C ASN B 169 -11.32 -16.89 10.90
N GLN B 170 -10.12 -17.40 11.13
CA GLN B 170 -9.92 -18.85 11.18
C GLN B 170 -10.85 -19.59 12.14
N ASP B 171 -11.14 -19.02 13.31
CA ASP B 171 -11.95 -19.73 14.30
C ASP B 171 -13.45 -19.64 14.02
N GLY B 172 -13.81 -19.08 12.85
CA GLY B 172 -15.21 -18.91 12.53
C GLY B 172 -15.87 -17.71 13.19
N LYS B 173 -15.11 -16.82 13.80
CA LYS B 173 -15.70 -15.58 14.31
C LYS B 173 -16.07 -14.71 13.12
N MSE B 174 -17.31 -14.20 13.10
CA MSE B 174 -17.69 -13.24 12.07
C MSE B 174 -16.98 -11.91 12.36
O MSE B 174 -17.19 -11.32 13.42
CB MSE B 174 -19.20 -13.01 12.02
CG MSE B 174 -19.61 -12.04 10.91
SE MSE B 174 -19.64 -12.99 9.19
CE MSE B 174 -21.29 -13.99 9.49
N ILE B 175 -16.12 -11.46 11.45
CA ILE B 175 -15.50 -10.15 11.63
C ILE B 175 -16.51 -9.08 11.26
N PHE B 176 -16.97 -9.13 10.02
CA PHE B 176 -18.16 -8.38 9.63
C PHE B 176 -18.86 -9.02 8.44
N ALA B 177 -20.10 -8.57 8.21
CA ALA B 177 -20.89 -9.02 7.08
C ALA B 177 -21.52 -7.80 6.43
N SER B 178 -21.63 -7.82 5.11
CA SER B 178 -22.23 -6.69 4.42
C SER B 178 -23.29 -7.17 3.46
N GLY B 179 -24.42 -6.47 3.45
CA GLY B 179 -25.51 -6.80 2.56
C GLY B 179 -26.55 -7.68 3.23
N GLN B 180 -27.48 -8.18 2.42
CA GLN B 180 -28.58 -9.00 2.92
C GLN B 180 -28.41 -10.45 2.52
N ALA B 181 -28.36 -11.34 3.50
CA ALA B 181 -28.22 -12.76 3.23
C ALA B 181 -29.26 -13.30 2.25
N SER B 182 -30.42 -12.66 2.20
CA SER B 182 -31.46 -13.02 1.23
C SER B 182 -30.93 -13.02 -0.21
N HIS B 183 -29.85 -12.30 -0.47
CA HIS B 183 -29.28 -12.21 -1.81
C HIS B 183 -28.34 -13.36 -2.13
N ALA B 184 -28.14 -14.27 -1.18
CA ALA B 184 -27.20 -15.36 -1.38
C ALA B 184 -27.92 -16.70 -1.43
N GLU B 185 -29.24 -16.66 -1.27
CA GLU B 185 -30.01 -17.89 -1.17
C GLU B 185 -29.73 -18.87 -2.31
N ASP B 186 -29.52 -20.11 -1.91
CA ASP B 186 -29.15 -21.20 -2.80
C ASP B 186 -27.81 -20.96 -3.51
N GLN B 187 -26.94 -20.14 -2.91
CA GLN B 187 -25.63 -19.86 -3.52
C GLN B 187 -24.46 -20.36 -2.68
N LYS B 188 -23.39 -20.79 -3.36
CA LYS B 188 -22.11 -21.03 -2.70
C LYS B 188 -21.29 -19.76 -2.86
N PRO B 189 -20.55 -19.37 -1.83
CA PRO B 189 -19.73 -18.17 -1.98
C PRO B 189 -18.44 -18.46 -2.74
N VAL B 190 -17.93 -17.44 -3.42
CA VAL B 190 -16.54 -17.41 -3.88
C VAL B 190 -15.71 -16.81 -2.75
N SER B 191 -14.63 -17.47 -2.39
CA SER B 191 -13.92 -17.07 -1.17
C SER B 191 -12.43 -16.89 -1.37
N GLY B 192 -11.81 -16.24 -0.39
CA GLY B 192 -10.38 -15.97 -0.44
C GLY B 192 -9.89 -15.20 0.78
N TYR B 193 -8.66 -15.53 1.20
CA TYR B 193 -8.01 -14.90 2.35
C TYR B 193 -7.35 -13.56 2.06
N LEU B 194 -7.34 -12.68 3.05
CA LEU B 194 -6.55 -11.45 3.01
C LEU B 194 -5.07 -11.80 3.17
N ASP B 195 -4.20 -11.04 2.50
CA ASP B 195 -2.76 -11.31 2.56
C ASP B 195 -2.11 -11.14 3.94
N ASP B 196 -2.45 -10.06 4.65
CA ASP B 196 -1.78 -9.73 5.90
C ASP B 196 -2.40 -10.33 7.16
N ILE B 197 -3.62 -10.86 7.03
CA ILE B 197 -4.30 -11.45 8.17
C ILE B 197 -5.01 -12.73 7.75
N SER B 198 -5.22 -13.64 8.68
CA SER B 198 -5.92 -14.87 8.36
C SER B 198 -7.41 -14.61 8.43
N TRP B 199 -7.89 -13.80 7.50
CA TRP B 199 -9.29 -13.47 7.39
C TRP B 199 -9.76 -13.95 6.05
N ASN B 200 -10.87 -14.67 6.04
CA ASN B 200 -11.41 -15.19 4.80
C ASN B 200 -12.62 -14.40 4.36
N MSE B 201 -12.59 -13.92 3.13
CA MSE B 201 -13.73 -13.16 2.61
C MSE B 201 -14.55 -14.04 1.70
O MSE B 201 -14.04 -14.66 0.77
CB MSE B 201 -13.26 -11.91 1.86
CG MSE B 201 -14.39 -10.92 1.61
SE MSE B 201 -13.99 -9.54 0.30
CE MSE B 201 -13.30 -8.17 1.50
N LYS B 202 -15.84 -14.07 1.98
CA LYS B 202 -16.78 -14.90 1.24
C LYS B 202 -17.77 -13.99 0.53
N VAL B 203 -17.75 -14.04 -0.79
CA VAL B 203 -18.60 -13.18 -1.59
C VAL B 203 -19.60 -14.10 -2.23
N TYR B 204 -20.88 -13.83 -2.00
CA TYR B 204 -21.93 -14.70 -2.52
C TYR B 204 -22.46 -14.15 -3.82
N PRO B 205 -22.51 -15.01 -4.85
CA PRO B 205 -23.13 -14.59 -6.10
C PRO B 205 -24.59 -14.25 -5.87
N ASN B 206 -25.15 -13.34 -6.69
CA ASN B 206 -26.60 -13.14 -6.75
C ASN B 206 -27.28 -14.30 -7.49
N PRO B 207 -28.54 -14.55 -7.16
CA PRO B 207 -29.28 -15.57 -7.91
C PRO B 207 -29.70 -15.05 -9.27
N VAL B 208 -29.96 -15.93 -10.22
CA VAL B 208 -30.44 -15.51 -11.55
C VAL B 208 -31.94 -15.19 -11.50
N THR B 209 -32.41 -14.39 -12.43
CA THR B 209 -33.78 -13.88 -12.39
C THR B 209 -34.51 -13.84 -13.73
N ILE B 210 -33.87 -13.21 -14.73
CA ILE B 210 -34.57 -12.80 -15.95
C ILE B 210 -33.94 -13.32 -17.25
C ACY C . 17.93 9.03 -10.29
O ACY C . 18.06 9.78 -11.30
OXT ACY C . 18.59 7.94 -10.12
CH3 ACY C . 16.96 9.42 -9.20
C ACY D . -6.90 -0.06 21.18
O ACY D . -7.87 0.76 21.20
OXT ACY D . -6.90 -1.15 21.79
CH3 ACY D . -5.65 0.28 20.38
C1 GOL E . -3.48 -18.10 6.76
O1 GOL E . -4.47 -19.11 6.86
C2 GOL E . -3.89 -17.06 5.73
O2 GOL E . -3.74 -17.57 4.42
C3 GOL E . -3.06 -15.78 5.87
O3 GOL E . -3.57 -14.75 5.04
C1 GOL F . 0.42 -6.58 0.13
O1 GOL F . -0.99 -6.68 0.17
C2 GOL F . 0.96 -6.66 1.56
O2 GOL F . 1.78 -7.81 1.72
C3 GOL F . 1.74 -5.39 1.90
O3 GOL F . 2.37 -5.53 3.16
C1 GOL G . -1.14 10.80 26.54
O1 GOL G . -1.29 9.83 27.56
C2 GOL G . -2.39 11.66 26.36
O2 GOL G . -2.56 12.02 25.00
C3 GOL G . -3.65 10.97 26.88
O3 GOL G . -4.81 11.67 26.46
#